data_4RWJ
#
_entry.id   4RWJ
#
_cell.length_a   211.674
_cell.length_b   50.148
_cell.length_c   66.850
_cell.angle_alpha   90.00
_cell.angle_beta   107.41
_cell.angle_gamma   90.00
#
_symmetry.space_group_name_H-M   'C 1 2 1'
#
loop_
_entity.id
_entity.type
_entity.pdbx_description
1 polymer 'Fibroblast growth factor receptor 1'
2 non-polymer N-{3-[2-(3,5-dimethoxyphenyl)ethyl]-1H-pyrazol-5-yl}-4-[(3R,5S)-3,5-dimethylpiperazin-1-yl]benzamide
3 water water
#
_entity_poly.entity_id   1
_entity_poly.type   'polypeptide(L)'
_entity_poly.pdbx_seq_one_letter_code
;MGHHHHHHMAGVSEYELPEDPRWELPRDRLVLGKPLGEGAFGQVVLAEAIGLDKDKPNRVTKVAVKMLKSDATEKDLSDL
ISEMEMMKMIGKHKNIINLLGACTQDGPLYVIVEYASKGNLREYLQARRPPGLEYSYNPSHNPEEQLSSKDLVSCAYQVA
RGMEYLASKKCIHRDLAARNVLVTEDNVMKIADFGLARDIHHIDYYKKTTNGRLPVKWMAPEALFDRIYTHQSDVWSFGV
LLWEIFTLGGSPYPGVPVEELFKLLKEGHRMDKPSNCTNELYMMMRDCWHAVPSQRPTFKQLVEDLDRIVALTSNQE
;
_entity_poly.pdbx_strand_id   A,B
#
loop_
_chem_comp.id
_chem_comp.type
_chem_comp.name
_chem_comp.formula
66T non-polymer N-{3-[2-(3,5-dimethoxyphenyl)ethyl]-1H-pyrazol-5-yl}-4-[(3R,5S)-3,5-dimethylpiperazin-1-yl]benzamide 'C26 H33 N5 O3'
#
# COMPACT_ATOMS: atom_id res chain seq x y z
N MET A 9 31.96 14.02 -28.02
CA MET A 9 33.30 13.57 -28.35
C MET A 9 34.36 14.51 -27.78
N ALA A 10 34.34 15.76 -28.23
CA ALA A 10 35.33 16.75 -27.79
C ALA A 10 35.10 17.14 -26.34
N GLY A 11 36.05 17.89 -25.77
CA GLY A 11 35.94 18.38 -24.41
C GLY A 11 34.69 19.24 -24.25
N VAL A 12 34.17 19.29 -23.03
CA VAL A 12 32.92 20.03 -22.80
C VAL A 12 33.15 21.53 -22.90
N SER A 13 34.40 21.97 -22.72
CA SER A 13 34.73 23.39 -22.84
C SER A 13 34.79 23.80 -24.31
N GLU A 14 34.83 22.81 -25.19
CA GLU A 14 34.88 23.03 -26.64
C GLU A 14 33.53 23.47 -27.19
N TYR A 15 32.47 23.27 -26.40
CA TYR A 15 31.13 23.61 -26.86
C TYR A 15 30.54 24.76 -26.04
N GLU A 16 29.30 25.12 -26.36
CA GLU A 16 28.64 26.22 -25.69
C GLU A 16 27.30 25.74 -25.16
N LEU A 17 27.28 25.36 -23.89
CA LEU A 17 26.08 24.91 -23.23
C LEU A 17 25.15 26.09 -22.96
N PRO A 18 23.85 25.92 -23.20
CA PRO A 18 22.94 27.03 -22.91
C PRO A 18 22.77 27.30 -21.42
N GLU A 19 23.18 28.48 -20.97
CA GLU A 19 22.98 28.85 -19.58
C GLU A 19 21.57 29.43 -19.40
N ASP A 20 20.91 29.02 -18.33
CA ASP A 20 19.59 29.55 -17.99
C ASP A 20 19.55 29.86 -16.50
N PRO A 21 19.69 31.15 -16.15
CA PRO A 21 19.77 31.62 -14.77
C PRO A 21 18.64 31.11 -13.89
N ARG A 22 17.47 30.88 -14.48
CA ARG A 22 16.32 30.35 -13.76
C ARG A 22 16.56 28.93 -13.26
N TRP A 23 17.40 28.18 -13.98
CA TRP A 23 17.59 26.76 -13.68
C TRP A 23 19.02 26.41 -13.26
N GLU A 24 19.95 27.35 -13.44
CA GLU A 24 21.37 27.05 -13.23
C GLU A 24 21.68 26.86 -11.75
N LEU A 25 22.35 25.74 -11.42
CA LEU A 25 22.78 25.47 -10.06
C LEU A 25 24.28 25.23 -10.00
N PRO A 26 24.97 25.89 -9.05
CA PRO A 26 26.40 25.66 -8.82
C PRO A 26 26.68 24.20 -8.47
N ARG A 27 27.77 23.65 -8.98
CA ARG A 27 28.09 22.24 -8.82
C ARG A 27 28.39 21.83 -7.37
N ASP A 28 28.90 22.76 -6.57
CA ASP A 28 29.26 22.45 -5.19
C ASP A 28 28.01 22.37 -4.32
N ARG A 29 26.86 22.62 -4.93
CA ARG A 29 25.58 22.50 -4.23
C ARG A 29 24.97 21.13 -4.46
N LEU A 30 25.75 20.22 -5.04
CA LEU A 30 25.32 18.85 -5.27
C LEU A 30 26.27 17.85 -4.63
N VAL A 31 25.73 16.97 -3.80
CA VAL A 31 26.52 15.89 -3.23
C VAL A 31 26.13 14.61 -3.96
N LEU A 32 26.97 14.20 -4.91
CA LEU A 32 26.69 13.05 -5.76
C LEU A 32 26.72 11.75 -4.95
N GLY A 33 25.78 10.85 -5.26
CA GLY A 33 25.67 9.59 -4.55
C GLY A 33 25.69 8.39 -5.48
N LYS A 34 24.89 7.38 -5.14
CA LYS A 34 24.90 6.10 -5.86
C LYS A 34 24.15 6.17 -7.18
N PRO A 35 24.58 5.34 -8.15
CA PRO A 35 23.90 5.21 -9.45
C PRO A 35 22.43 4.85 -9.31
N LEU A 36 21.59 5.40 -10.18
CA LEU A 36 20.16 5.10 -10.20
C LEU A 36 19.69 4.47 -11.50
N GLY A 37 18.77 3.52 -11.40
CA GLY A 37 18.16 2.92 -12.57
C GLY A 37 18.86 1.71 -13.16
N GLU A 38 20.12 1.53 -12.81
CA GLU A 38 21.01 0.62 -13.53
C GLU A 38 21.06 1.03 -15.00
N GLY A 39 21.01 2.35 -15.21
CA GLY A 39 21.18 2.99 -16.49
C GLY A 39 20.08 2.86 -17.52
N ALA A 40 18.86 2.57 -17.07
CA ALA A 40 17.73 2.47 -17.98
C ALA A 40 17.45 3.83 -18.61
N PHE A 41 17.78 4.87 -17.86
CA PHE A 41 17.58 6.25 -18.27
C PHE A 41 18.91 6.91 -18.61
N GLY A 42 19.94 6.07 -18.75
CA GLY A 42 21.28 6.55 -19.02
C GLY A 42 21.97 6.78 -17.69
N GLN A 43 23.16 7.38 -17.72
CA GLN A 43 23.92 7.57 -16.49
C GLN A 43 23.24 8.56 -15.55
N VAL A 44 22.52 8.02 -14.56
CA VAL A 44 21.80 8.83 -13.59
C VAL A 44 22.19 8.44 -12.16
N VAL A 45 22.57 9.43 -11.37
CA VAL A 45 22.96 9.18 -9.98
C VAL A 45 22.00 9.85 -9.00
N LEU A 46 21.94 9.32 -7.78
CA LEU A 46 21.24 9.98 -6.69
C LEU A 46 22.12 11.10 -6.17
N ALA A 47 21.51 12.19 -5.72
CA ALA A 47 22.28 13.30 -5.19
C ALA A 47 21.49 14.11 -4.16
N GLU A 48 22.21 14.92 -3.40
CA GLU A 48 21.58 15.85 -2.47
C GLU A 48 21.90 17.27 -2.90
N ALA A 49 20.86 18.08 -3.03
CA ALA A 49 21.03 19.46 -3.49
C ALA A 49 20.81 20.43 -2.34
N ILE A 50 21.76 21.35 -2.18
CA ILE A 50 21.71 22.31 -1.10
C ILE A 50 21.11 23.62 -1.58
N GLY A 51 19.97 23.98 -1.02
CA GLY A 51 19.32 25.23 -1.38
C GLY A 51 18.86 25.23 -2.82
N LEU A 52 18.15 24.17 -3.21
CA LEU A 52 17.57 24.08 -4.55
C LEU A 52 16.56 25.21 -4.72
N ASP A 53 15.80 25.47 -3.68
CA ASP A 53 14.86 26.59 -3.67
C ASP A 53 15.53 27.79 -3.02
N LYS A 54 15.47 28.94 -3.71
CA LYS A 54 16.12 30.15 -3.24
C LYS A 54 15.59 30.61 -1.89
N ASP A 55 14.32 30.30 -1.61
CA ASP A 55 13.69 30.67 -0.35
C ASP A 55 14.24 29.90 0.84
N LYS A 56 14.76 28.70 0.59
CA LYS A 56 15.31 27.86 1.65
C LYS A 56 16.72 27.37 1.29
N PRO A 57 17.72 28.25 1.41
CA PRO A 57 19.09 27.95 1.00
C PRO A 57 19.81 26.95 1.89
N ASN A 58 19.25 26.67 3.08
CA ASN A 58 19.89 25.74 4.00
C ASN A 58 19.19 24.39 4.04
N ARG A 59 18.28 24.17 3.09
CA ARG A 59 17.53 22.94 3.02
C ARG A 59 18.16 21.97 2.02
N VAL A 60 18.20 20.69 2.39
CA VAL A 60 18.70 19.65 1.51
C VAL A 60 17.54 18.95 0.79
N THR A 61 17.70 18.69 -0.51
CA THR A 61 16.67 18.03 -1.29
C THR A 61 17.28 16.88 -2.09
N LYS A 62 16.69 15.69 -1.97
CA LYS A 62 17.12 14.55 -2.77
C LYS A 62 16.69 14.70 -4.22
N VAL A 63 17.66 14.59 -5.13
CA VAL A 63 17.40 14.77 -6.54
C VAL A 63 18.05 13.67 -7.37
N ALA A 64 17.65 13.58 -8.64
CA ALA A 64 18.27 12.67 -9.59
C ALA A 64 19.09 13.49 -10.59
N VAL A 65 20.29 13.02 -10.91
CA VAL A 65 21.16 13.77 -11.80
C VAL A 65 21.58 12.94 -13.01
N LYS A 66 21.18 13.39 -14.19
CA LYS A 66 21.58 12.73 -15.43
C LYS A 66 22.77 13.44 -16.06
N MET A 67 23.70 12.65 -16.57
CA MET A 67 24.92 13.17 -17.20
C MET A 67 25.32 12.27 -18.35
N LEU A 68 26.30 12.72 -19.14
CA LEU A 68 26.79 11.95 -20.27
C LEU A 68 27.76 10.86 -19.80
N LYS A 69 27.77 9.73 -20.52
CA LYS A 69 28.72 8.66 -20.27
C LYS A 69 30.11 9.04 -20.78
N SER A 70 31.11 8.23 -20.45
CA SER A 70 32.48 8.50 -20.86
C SER A 70 32.66 8.35 -22.36
N ASP A 71 31.82 7.53 -22.99
CA ASP A 71 31.91 7.27 -24.41
C ASP A 71 30.99 8.19 -25.24
N ALA A 72 30.45 9.21 -24.59
CA ALA A 72 29.47 10.08 -25.24
C ALA A 72 30.00 10.80 -26.48
N THR A 73 29.13 10.95 -27.46
CA THR A 73 29.46 11.65 -28.70
C THR A 73 28.84 13.04 -28.71
N GLU A 74 29.06 13.76 -29.80
CA GLU A 74 28.49 15.10 -29.95
C GLU A 74 26.97 14.99 -30.08
N LYS A 75 26.51 13.87 -30.63
CA LYS A 75 25.08 13.58 -30.74
C LYS A 75 24.42 13.38 -29.37
N ASP A 76 25.10 12.64 -28.50
CA ASP A 76 24.59 12.36 -27.16
C ASP A 76 24.45 13.64 -26.35
N LEU A 77 25.39 14.56 -26.52
CA LEU A 77 25.35 15.84 -25.84
C LEU A 77 24.14 16.65 -26.31
N SER A 78 23.93 16.68 -27.63
CA SER A 78 22.81 17.39 -28.21
C SER A 78 21.47 16.85 -27.71
N ASP A 79 21.38 15.52 -27.61
CA ASP A 79 20.18 14.87 -27.12
C ASP A 79 19.86 15.25 -25.68
N LEU A 80 20.87 15.24 -24.82
CA LEU A 80 20.68 15.54 -23.41
C LEU A 80 20.24 16.99 -23.23
N ILE A 81 20.82 17.89 -24.03
CA ILE A 81 20.42 19.29 -24.03
C ILE A 81 18.98 19.42 -24.51
N SER A 82 18.70 18.77 -25.64
CA SER A 82 17.36 18.77 -26.23
C SER A 82 16.32 18.24 -25.25
N GLU A 83 16.68 17.19 -24.53
CA GLU A 83 15.82 16.62 -23.52
C GLU A 83 15.52 17.66 -22.44
N MET A 84 16.57 18.34 -21.98
CA MET A 84 16.43 19.38 -20.96
C MET A 84 15.57 20.55 -21.43
N GLU A 85 15.84 21.04 -22.64
CA GLU A 85 15.11 22.17 -23.18
C GLU A 85 13.65 21.80 -23.43
N MET A 86 13.42 20.56 -23.83
CA MET A 86 12.07 20.05 -24.05
C MET A 86 11.28 20.01 -22.75
N MET A 87 11.94 19.65 -21.66
CA MET A 87 11.30 19.60 -20.36
C MET A 87 10.93 21.01 -19.88
N LYS A 88 11.75 21.99 -20.24
CA LYS A 88 11.43 23.38 -19.94
C LYS A 88 10.13 23.82 -20.59
N MET A 89 10.00 23.52 -21.88
CA MET A 89 8.84 23.95 -22.65
C MET A 89 7.56 23.23 -22.22
N ILE A 90 7.67 21.91 -22.04
CA ILE A 90 6.53 21.09 -21.64
C ILE A 90 5.94 21.55 -20.31
N GLY A 91 6.82 22.00 -19.40
CA GLY A 91 6.37 22.51 -18.12
C GLY A 91 6.15 21.43 -17.07
N LYS A 92 5.62 21.84 -15.92
CA LYS A 92 5.50 20.97 -14.76
C LYS A 92 4.13 20.26 -14.65
N HIS A 93 4.16 19.07 -14.07
CA HIS A 93 2.94 18.35 -13.71
C HIS A 93 3.25 17.32 -12.63
N LYS A 94 2.28 17.07 -11.77
CA LYS A 94 2.47 16.16 -10.64
C LYS A 94 2.88 14.75 -11.07
N ASN A 95 2.38 14.32 -12.22
CA ASN A 95 2.57 12.94 -12.64
C ASN A 95 3.59 12.74 -13.77
N ILE A 96 4.57 13.63 -13.83
CA ILE A 96 5.73 13.42 -14.71
C ILE A 96 7.01 13.69 -13.91
N ILE A 97 8.12 13.14 -14.38
CA ILE A 97 9.42 13.49 -13.80
C ILE A 97 9.79 14.90 -14.24
N ASN A 98 9.82 15.83 -13.29
CA ASN A 98 10.05 17.24 -13.62
C ASN A 98 11.50 17.68 -13.55
N LEU A 99 11.81 18.72 -14.32
CA LEU A 99 13.11 19.35 -14.29
C LEU A 99 13.22 20.21 -13.04
N LEU A 100 14.36 20.13 -12.35
CA LEU A 100 14.56 20.89 -11.11
C LEU A 100 15.70 21.89 -11.26
N GLY A 101 16.64 21.62 -12.17
CA GLY A 101 17.78 22.49 -12.38
C GLY A 101 18.82 21.88 -13.29
N ALA A 102 19.95 22.57 -13.43
CA ALA A 102 21.02 22.10 -14.32
C ALA A 102 22.38 22.69 -13.95
N CYS A 103 23.43 21.94 -14.30
CA CYS A 103 24.80 22.45 -14.19
C CYS A 103 25.46 22.45 -15.56
N THR A 104 25.67 23.64 -16.12
CA THR A 104 26.13 23.76 -17.50
C THR A 104 27.52 24.37 -17.61
N GLN A 105 28.02 24.94 -16.51
CA GLN A 105 29.31 25.60 -16.52
C GLN A 105 30.28 24.92 -15.55
N ASP A 106 31.59 25.05 -15.86
CA ASP A 106 32.66 24.51 -15.03
C ASP A 106 32.58 22.99 -14.85
N GLY A 107 32.44 22.28 -15.96
CA GLY A 107 32.40 20.83 -15.91
C GLY A 107 31.39 20.23 -16.87
N PRO A 108 31.13 18.92 -16.71
CA PRO A 108 30.20 18.14 -17.54
C PRO A 108 28.75 18.58 -17.34
N LEU A 109 27.94 18.43 -18.38
CA LEU A 109 26.53 18.80 -18.27
C LEU A 109 25.76 17.93 -17.29
N TYR A 110 25.11 18.57 -16.33
CA TYR A 110 24.21 17.89 -15.39
C TYR A 110 22.77 18.37 -15.55
N VAL A 111 21.85 17.43 -15.78
CA VAL A 111 20.44 17.76 -15.80
C VAL A 111 19.78 17.22 -14.53
N ILE A 112 19.25 18.13 -13.71
CA ILE A 112 18.71 17.78 -12.40
C ILE A 112 17.20 17.61 -12.45
N VAL A 113 16.72 16.42 -12.10
CA VAL A 113 15.30 16.12 -12.15
C VAL A 113 14.79 15.52 -10.84
N GLU A 114 13.49 15.26 -10.77
CA GLU A 114 12.88 14.73 -9.56
C GLU A 114 13.28 13.28 -9.29
N TYR A 115 13.38 12.95 -8.00
CA TYR A 115 13.84 11.63 -7.57
C TYR A 115 12.68 10.74 -7.11
N ALA A 116 12.58 9.56 -7.70
CA ALA A 116 11.57 8.58 -7.31
C ALA A 116 12.24 7.39 -6.63
N SER A 117 12.04 7.28 -5.32
CA SER A 117 12.80 6.32 -4.50
C SER A 117 12.34 4.88 -4.61
N LYS A 118 11.16 4.64 -5.18
CA LYS A 118 10.60 3.30 -5.20
C LYS A 118 10.69 2.62 -6.57
N GLY A 119 11.56 3.12 -7.43
CA GLY A 119 11.82 2.48 -8.70
C GLY A 119 10.69 2.57 -9.70
N ASN A 120 10.82 1.87 -10.83
CA ASN A 120 9.80 1.94 -11.87
C ASN A 120 8.57 1.14 -11.50
N LEU A 121 7.47 1.38 -12.21
CA LEU A 121 6.18 0.79 -11.88
C LEU A 121 6.18 -0.74 -11.96
N ARG A 122 6.97 -1.29 -12.88
CA ARG A 122 7.01 -2.75 -13.06
C ARG A 122 7.60 -3.46 -11.84
N GLU A 123 8.77 -3.03 -11.40
CA GLU A 123 9.42 -3.63 -10.23
C GLU A 123 8.66 -3.31 -8.95
N TYR A 124 8.01 -2.15 -8.93
CA TYR A 124 7.20 -1.70 -7.81
C TYR A 124 6.02 -2.66 -7.56
N LEU A 125 5.36 -3.05 -8.65
CA LEU A 125 4.22 -3.95 -8.57
C LEU A 125 4.65 -5.39 -8.30
N GLN A 126 5.74 -5.82 -8.93
CA GLN A 126 6.22 -7.18 -8.77
C GLN A 126 6.62 -7.49 -7.33
N ALA A 127 7.20 -6.49 -6.66
CA ALA A 127 7.65 -6.66 -5.28
C ALA A 127 6.46 -6.71 -4.31
N ARG A 128 5.29 -6.31 -4.81
CA ARG A 128 4.09 -6.30 -3.99
C ARG A 128 3.10 -7.36 -4.48
N ARG A 129 3.63 -8.37 -5.15
CA ARG A 129 2.84 -9.52 -5.58
C ARG A 129 2.52 -10.41 -4.39
N PRO A 130 1.22 -10.73 -4.21
CA PRO A 130 0.82 -11.69 -3.18
C PRO A 130 1.30 -13.10 -3.50
N PRO A 131 1.62 -13.90 -2.48
CA PRO A 131 1.99 -15.30 -2.66
C PRO A 131 0.79 -16.19 -2.97
N GLY A 132 -0.14 -15.69 -3.78
CA GLY A 132 -1.37 -16.40 -4.04
C GLY A 132 -1.40 -17.24 -5.31
N LEU A 133 -2.48 -17.11 -6.08
CA LEU A 133 -2.73 -17.99 -7.21
C LEU A 133 -2.94 -17.23 -8.53
N GLU A 134 -3.43 -16.01 -8.43
CA GLU A 134 -3.79 -15.24 -9.63
C GLU A 134 -2.70 -14.25 -10.05
N TYR A 135 -1.47 -14.52 -9.64
CA TYR A 135 -0.31 -13.77 -10.12
C TYR A 135 0.92 -14.69 -10.20
N SER A 136 1.92 -14.29 -10.97
CA SER A 136 3.19 -15.01 -10.97
C SER A 136 3.92 -14.73 -9.66
N TYR A 137 5.00 -15.46 -9.41
CA TYR A 137 5.68 -15.39 -8.12
C TYR A 137 6.40 -14.06 -7.88
N ASN A 138 6.44 -13.65 -6.62
CA ASN A 138 7.13 -12.44 -6.21
C ASN A 138 8.65 -12.62 -6.28
N PRO A 139 9.30 -11.95 -7.24
CA PRO A 139 10.74 -12.14 -7.48
C PRO A 139 11.61 -11.33 -6.53
N SER A 140 10.99 -10.52 -5.69
CA SER A 140 11.73 -9.61 -4.82
C SER A 140 12.17 -10.26 -3.52
N HIS A 141 13.42 -10.00 -3.13
CA HIS A 141 13.94 -10.47 -1.86
C HIS A 141 13.60 -9.48 -0.76
N ASN A 142 12.93 -8.40 -1.14
CA ASN A 142 12.42 -7.42 -0.19
C ASN A 142 10.97 -7.06 -0.50
N PRO A 143 10.05 -8.00 -0.30
CA PRO A 143 8.64 -7.78 -0.66
C PRO A 143 7.97 -6.74 0.24
N GLU A 144 7.10 -5.93 -0.34
CA GLU A 144 6.39 -4.91 0.40
C GLU A 144 4.92 -5.26 0.53
N GLU A 145 4.18 -4.42 1.26
CA GLU A 145 2.76 -4.67 1.50
C GLU A 145 1.96 -4.73 0.21
N GLN A 146 1.01 -5.66 0.16
CA GLN A 146 0.11 -5.83 -0.98
C GLN A 146 -0.67 -4.55 -1.24
N LEU A 147 -1.05 -4.33 -2.49
CA LEU A 147 -1.82 -3.15 -2.86
C LEU A 147 -3.29 -3.50 -3.03
N SER A 148 -4.16 -2.64 -2.52
CA SER A 148 -5.60 -2.82 -2.65
C SER A 148 -6.05 -2.62 -4.10
N SER A 149 -7.30 -2.96 -4.37
CA SER A 149 -7.86 -2.82 -5.71
C SER A 149 -7.97 -1.36 -6.12
N LYS A 150 -8.11 -0.46 -5.15
CA LYS A 150 -8.20 0.96 -5.46
C LYS A 150 -6.85 1.60 -5.68
N ASP A 151 -5.81 0.99 -5.13
CA ASP A 151 -4.45 1.45 -5.39
C ASP A 151 -4.03 1.22 -6.84
N LEU A 152 -4.45 0.09 -7.41
CA LEU A 152 -4.08 -0.24 -8.78
C LEU A 152 -4.77 0.67 -9.78
N VAL A 153 -6.07 0.88 -9.60
CA VAL A 153 -6.82 1.75 -10.50
C VAL A 153 -6.31 3.18 -10.36
N SER A 154 -5.94 3.55 -9.15
CA SER A 154 -5.36 4.87 -8.89
C SER A 154 -4.01 5.04 -9.60
N CYS A 155 -3.24 3.96 -9.70
CA CYS A 155 -1.98 3.99 -10.43
C CYS A 155 -2.23 4.30 -11.89
N ALA A 156 -3.25 3.66 -12.46
CA ALA A 156 -3.62 3.87 -13.85
C ALA A 156 -4.14 5.28 -14.07
N TYR A 157 -4.91 5.77 -13.10
CA TYR A 157 -5.46 7.12 -13.15
C TYR A 157 -4.35 8.17 -13.23
N GLN A 158 -3.36 8.04 -12.35
CA GLN A 158 -2.27 9.01 -12.27
C GLN A 158 -1.45 9.03 -13.56
N VAL A 159 -1.19 7.85 -14.11
CA VAL A 159 -0.45 7.74 -15.37
C VAL A 159 -1.25 8.36 -16.51
N ALA A 160 -2.55 8.10 -16.53
CA ALA A 160 -3.43 8.68 -17.53
C ALA A 160 -3.42 10.20 -17.43
N ARG A 161 -3.44 10.72 -16.21
CA ARG A 161 -3.40 12.15 -15.96
C ARG A 161 -2.11 12.78 -16.46
N GLY A 162 -1.00 12.08 -16.27
CA GLY A 162 0.28 12.54 -16.77
C GLY A 162 0.30 12.61 -18.29
N MET A 163 -0.25 11.57 -18.93
CA MET A 163 -0.32 11.52 -20.38
C MET A 163 -1.30 12.54 -20.93
N GLU A 164 -2.38 12.79 -20.19
CA GLU A 164 -3.35 13.80 -20.57
C GLU A 164 -2.66 15.17 -20.63
N TYR A 165 -1.80 15.42 -19.65
CA TYR A 165 -1.05 16.66 -19.62
C TYR A 165 -0.05 16.72 -20.77
N LEU A 166 0.71 15.64 -20.95
CA LEU A 166 1.70 15.58 -22.02
C LEU A 166 1.06 15.79 -23.39
N ALA A 167 -0.10 15.18 -23.59
CA ALA A 167 -0.84 15.32 -24.83
C ALA A 167 -1.26 16.77 -25.04
N SER A 168 -1.66 17.43 -23.97
CA SER A 168 -2.09 18.82 -24.04
C SER A 168 -0.93 19.76 -24.41
N LYS A 169 0.30 19.28 -24.20
CA LYS A 169 1.49 20.05 -24.56
C LYS A 169 2.11 19.52 -25.85
N LYS A 170 1.29 18.85 -26.66
CA LYS A 170 1.72 18.31 -27.96
C LYS A 170 2.89 17.34 -27.85
N CYS A 171 2.97 16.63 -26.73
CA CYS A 171 4.05 15.68 -26.51
C CYS A 171 3.61 14.24 -26.76
N ILE A 172 4.30 13.56 -27.67
CA ILE A 172 4.09 12.15 -27.92
C ILE A 172 5.25 11.35 -27.33
N HIS A 173 4.93 10.39 -26.46
CA HIS A 173 5.94 9.67 -25.69
C HIS A 173 6.68 8.63 -26.53
N ARG A 174 5.91 7.89 -27.32
CA ARG A 174 6.39 6.86 -28.26
C ARG A 174 6.87 5.57 -27.58
N ASP A 175 6.96 5.57 -26.25
CA ASP A 175 7.34 4.35 -25.54
C ASP A 175 6.76 4.32 -24.13
N LEU A 176 5.45 4.54 -24.04
CA LEU A 176 4.77 4.50 -22.75
C LEU A 176 4.70 3.06 -22.26
N ALA A 177 5.35 2.81 -21.13
CA ALA A 177 5.37 1.48 -20.53
C ALA A 177 5.60 1.58 -19.03
N ALA A 178 5.35 0.49 -18.31
CA ALA A 178 5.54 0.48 -16.86
C ALA A 178 6.98 0.76 -16.47
N ARG A 179 7.92 0.36 -17.33
CA ARG A 179 9.34 0.59 -17.08
C ARG A 179 9.67 2.07 -17.17
N ASN A 180 8.83 2.83 -17.87
CA ASN A 180 9.03 4.25 -18.04
C ASN A 180 8.11 5.08 -17.15
N VAL A 181 7.61 4.46 -16.10
CA VAL A 181 6.87 5.17 -15.07
C VAL A 181 7.55 4.97 -13.72
N LEU A 182 7.89 6.06 -13.05
CA LEU A 182 8.60 5.99 -11.78
C LEU A 182 7.68 6.24 -10.58
N VAL A 183 8.04 5.66 -9.44
CA VAL A 183 7.22 5.77 -8.23
C VAL A 183 7.98 6.47 -7.11
N THR A 184 7.41 7.55 -6.61
CA THR A 184 8.04 8.34 -5.56
C THR A 184 7.85 7.70 -4.18
N GLU A 185 8.47 8.32 -3.18
CA GLU A 185 8.38 7.85 -1.81
C GLU A 185 6.94 7.92 -1.30
N ASP A 186 6.15 8.81 -1.90
CA ASP A 186 4.75 8.98 -1.53
C ASP A 186 3.81 8.23 -2.47
N ASN A 187 4.38 7.29 -3.22
CA ASN A 187 3.63 6.43 -4.15
C ASN A 187 2.93 7.23 -5.25
N VAL A 188 3.57 8.29 -5.70
CA VAL A 188 3.07 9.09 -6.81
C VAL A 188 3.63 8.56 -8.12
N MET A 189 2.75 8.31 -9.09
CA MET A 189 3.18 7.85 -10.41
C MET A 189 3.73 9.00 -11.24
N LYS A 190 4.96 8.86 -11.73
CA LYS A 190 5.56 9.88 -12.57
C LYS A 190 6.11 9.27 -13.86
N ILE A 191 5.63 9.79 -14.99
CA ILE A 191 6.06 9.31 -16.30
C ILE A 191 7.47 9.80 -16.63
N ALA A 192 8.31 8.88 -17.09
CA ALA A 192 9.71 9.20 -17.38
C ALA A 192 9.99 9.16 -18.88
N ASP A 193 11.15 9.72 -19.26
CA ASP A 193 11.61 9.77 -20.64
C ASP A 193 10.55 10.17 -21.67
N PHE A 194 9.96 11.35 -21.51
CA PHE A 194 8.95 11.83 -22.46
C PHE A 194 9.50 12.91 -23.40
N GLY A 195 10.72 13.37 -23.12
CA GLY A 195 11.32 14.43 -23.92
C GLY A 195 12.46 13.94 -24.79
N LEU A 196 12.52 12.64 -25.02
CA LEU A 196 13.61 12.05 -25.79
C LEU A 196 13.55 12.45 -27.27
N ALA A 197 14.72 12.68 -27.84
CA ALA A 197 14.83 12.97 -29.27
C ALA A 197 14.53 11.71 -30.08
N ARG A 198 13.63 11.83 -31.05
CA ARG A 198 13.28 10.69 -31.89
C ARG A 198 14.43 10.34 -32.83
N ASP A 199 14.76 9.06 -32.87
CA ASP A 199 15.84 8.55 -33.72
C ASP A 199 15.54 8.84 -35.19
N ILE A 200 16.53 9.37 -35.89
CA ILE A 200 16.36 9.78 -37.28
C ILE A 200 16.61 8.60 -38.23
N HIS A 201 17.11 7.50 -37.67
CA HIS A 201 17.38 6.29 -38.46
C HIS A 201 16.23 5.31 -38.35
N HIS A 202 16.19 4.35 -39.28
CA HIS A 202 15.16 3.32 -39.26
C HIS A 202 15.33 2.39 -38.06
N ILE A 203 14.21 1.91 -37.53
CA ILE A 203 14.20 1.13 -36.30
C ILE A 203 14.65 -0.31 -36.49
N ASP A 204 15.32 -0.86 -35.48
CA ASP A 204 15.57 -2.30 -35.40
C ASP A 204 14.50 -2.93 -34.52
N TYR A 205 13.74 -3.86 -35.11
CA TYR A 205 12.59 -4.43 -34.42
C TYR A 205 12.97 -5.49 -33.37
N TYR A 206 14.23 -5.85 -33.29
CA TYR A 206 14.64 -6.92 -32.40
C TYR A 206 15.75 -6.51 -31.42
N LYS A 207 15.82 -5.23 -31.08
CA LYS A 207 16.84 -4.76 -30.15
C LYS A 207 16.42 -4.97 -28.70
N LYS A 208 17.42 -5.09 -27.82
CA LYS A 208 17.17 -5.25 -26.39
C LYS A 208 17.50 -3.94 -25.67
N THR A 209 17.31 -3.91 -24.36
CA THR A 209 17.58 -2.69 -23.60
C THR A 209 18.66 -2.93 -22.53
N ASN A 211 17.23 -3.81 -19.43
CA ASN A 211 17.15 -5.27 -19.33
C ASN A 211 16.76 -5.92 -20.65
N GLY A 212 16.28 -7.15 -20.57
CA GLY A 212 15.87 -7.88 -21.76
C GLY A 212 14.45 -7.54 -22.18
N ARG A 213 14.18 -6.24 -22.35
CA ARG A 213 12.85 -5.79 -22.73
C ARG A 213 12.76 -5.53 -24.23
N LEU A 214 11.64 -5.95 -24.82
CA LEU A 214 11.39 -5.71 -26.25
C LEU A 214 10.32 -4.64 -26.42
N PRO A 215 10.75 -3.40 -26.71
CA PRO A 215 9.86 -2.24 -26.84
C PRO A 215 8.82 -2.38 -27.95
N VAL A 216 9.01 -3.36 -28.84
CA VAL A 216 8.10 -3.61 -29.94
C VAL A 216 6.71 -4.06 -29.46
N LYS A 217 6.66 -4.62 -28.25
CA LYS A 217 5.40 -5.13 -27.71
C LYS A 217 4.51 -4.06 -27.10
N TRP A 218 4.97 -2.81 -27.10
CA TRP A 218 4.16 -1.70 -26.60
C TRP A 218 3.68 -0.81 -27.74
N MET A 219 4.17 -1.08 -28.95
CA MET A 219 3.86 -0.24 -30.10
C MET A 219 2.52 -0.58 -30.74
N ALA A 220 1.77 0.45 -31.08
CA ALA A 220 0.57 0.30 -31.88
C ALA A 220 0.93 -0.28 -33.25
N PRO A 221 0.01 -1.00 -33.87
CA PRO A 221 0.25 -1.60 -35.19
C PRO A 221 0.73 -0.57 -36.23
N GLU A 222 0.11 0.61 -36.26
CA GLU A 222 0.49 1.64 -37.22
C GLU A 222 1.89 2.19 -36.95
N ALA A 223 2.29 2.19 -35.68
CA ALA A 223 3.63 2.63 -35.32
C ALA A 223 4.63 1.50 -35.56
N LEU A 224 4.13 0.27 -35.45
CA LEU A 224 4.96 -0.91 -35.66
C LEU A 224 5.27 -1.13 -37.14
N PHE A 225 4.25 -1.02 -37.99
CA PHE A 225 4.38 -1.34 -39.40
C PHE A 225 4.73 -0.13 -40.24
N ASP A 226 4.13 1.01 -39.92
CA ASP A 226 4.29 2.22 -40.75
C ASP A 226 5.05 3.34 -40.04
N ARG A 227 5.52 3.07 -38.83
CA ARG A 227 6.30 4.02 -38.04
C ARG A 227 5.57 5.34 -37.79
N ILE A 228 4.24 5.27 -37.72
CA ILE A 228 3.43 6.45 -37.47
C ILE A 228 3.11 6.60 -35.98
N TYR A 229 3.56 7.69 -35.38
CA TYR A 229 3.37 7.93 -33.95
C TYR A 229 2.45 9.12 -33.68
N THR A 230 1.31 8.85 -33.05
CA THR A 230 0.38 9.89 -32.65
C THR A 230 0.02 9.75 -31.18
N HIS A 231 -0.87 10.60 -30.70
CA HIS A 231 -1.38 10.48 -29.34
C HIS A 231 -2.17 9.17 -29.22
N GLN A 232 -2.82 8.77 -30.32
CA GLN A 232 -3.59 7.54 -30.36
C GLN A 232 -2.71 6.31 -30.23
N SER A 233 -1.47 6.41 -30.71
CA SER A 233 -0.52 5.31 -30.55
C SER A 233 -0.08 5.21 -29.09
N ASP A 234 0.02 6.35 -28.41
CA ASP A 234 0.29 6.35 -26.98
C ASP A 234 -0.87 5.73 -26.21
N VAL A 235 -2.08 5.93 -26.70
CA VAL A 235 -3.28 5.35 -26.08
C VAL A 235 -3.22 3.83 -26.13
N TRP A 236 -2.76 3.29 -27.26
CA TRP A 236 -2.52 1.86 -27.39
C TRP A 236 -1.53 1.38 -26.33
N SER A 237 -0.42 2.10 -26.19
CA SER A 237 0.61 1.75 -25.22
C SER A 237 0.05 1.79 -23.80
N PHE A 238 -0.80 2.77 -23.51
CA PHE A 238 -1.44 2.89 -22.21
C PHE A 238 -2.28 1.64 -21.92
N GLY A 239 -2.85 1.06 -22.96
CA GLY A 239 -3.60 -0.18 -22.84
C GLY A 239 -2.71 -1.31 -22.35
N VAL A 240 -1.53 -1.43 -22.95
CA VAL A 240 -0.56 -2.43 -22.54
C VAL A 240 -0.09 -2.15 -21.11
N LEU A 241 0.01 -0.87 -20.77
CA LEU A 241 0.39 -0.46 -19.42
C LEU A 241 -0.70 -0.85 -18.42
N LEU A 242 -1.95 -0.73 -18.85
CA LEU A 242 -3.07 -1.18 -18.03
C LEU A 242 -2.96 -2.67 -17.73
N TRP A 243 -2.64 -3.44 -18.76
CA TRP A 243 -2.46 -4.88 -18.63
C TRP A 243 -1.28 -5.20 -17.70
N GLU A 244 -0.25 -4.37 -17.75
CA GLU A 244 0.92 -4.53 -16.88
C GLU A 244 0.55 -4.33 -15.41
N ILE A 245 -0.31 -3.35 -15.16
CA ILE A 245 -0.72 -3.02 -13.80
C ILE A 245 -1.50 -4.16 -13.13
N PHE A 246 -2.47 -4.72 -13.84
CA PHE A 246 -3.36 -5.70 -13.24
C PHE A 246 -2.82 -7.12 -13.33
N THR A 247 -1.62 -7.25 -13.88
CA THR A 247 -0.85 -8.48 -13.77
C THR A 247 0.29 -8.25 -12.78
N LEU A 248 0.27 -7.08 -12.15
CA LEU A 248 1.31 -6.66 -11.22
C LEU A 248 2.71 -6.81 -11.81
N GLY A 249 2.92 -6.24 -12.99
CA GLY A 249 4.23 -6.26 -13.61
C GLY A 249 4.44 -7.44 -14.52
N GLY A 250 3.37 -7.94 -15.12
CA GLY A 250 3.45 -9.06 -16.04
C GLY A 250 4.10 -8.70 -17.36
N SER A 251 4.57 -9.71 -18.08
CA SER A 251 5.21 -9.52 -19.38
C SER A 251 4.20 -9.69 -20.50
N PRO A 252 4.03 -8.66 -21.33
CA PRO A 252 3.05 -8.63 -22.43
C PRO A 252 3.28 -9.74 -23.46
N TYR A 253 2.19 -10.34 -23.93
CA TYR A 253 2.23 -11.44 -24.88
C TYR A 253 3.24 -12.51 -24.46
N PRO A 254 2.96 -13.18 -23.34
CA PRO A 254 3.90 -14.18 -22.82
C PRO A 254 4.05 -15.37 -23.75
N GLY A 255 5.28 -15.66 -24.15
CA GLY A 255 5.59 -16.79 -25.01
C GLY A 255 5.50 -16.47 -26.49
N VAL A 256 5.15 -15.21 -26.80
CA VAL A 256 5.03 -14.79 -28.19
C VAL A 256 6.25 -14.00 -28.65
N PRO A 257 7.02 -14.56 -29.60
CA PRO A 257 8.17 -13.87 -30.18
C PRO A 257 7.75 -12.72 -31.11
N VAL A 258 8.73 -11.94 -31.56
CA VAL A 258 8.45 -10.75 -32.35
C VAL A 258 7.87 -11.08 -33.72
N GLU A 259 8.46 -12.07 -34.40
CA GLU A 259 8.05 -12.42 -35.76
C GLU A 259 6.61 -12.91 -35.79
N GLU A 260 6.17 -13.51 -34.69
CA GLU A 260 4.79 -13.98 -34.56
C GLU A 260 3.87 -12.83 -34.13
N LEU A 261 4.44 -11.83 -33.47
CA LEU A 261 3.67 -10.68 -33.00
C LEU A 261 3.17 -9.82 -34.16
N PHE A 262 3.97 -9.71 -35.21
CA PHE A 262 3.57 -8.98 -36.41
C PHE A 262 2.30 -9.54 -37.01
N LYS A 263 2.30 -10.86 -37.23
CA LYS A 263 1.15 -11.54 -37.81
C LYS A 263 -0.07 -11.47 -36.91
N LEU A 264 0.12 -11.81 -35.64
CA LEU A 264 -0.97 -11.83 -34.66
C LEU A 264 -1.72 -10.52 -34.56
N LEU A 265 -1.00 -9.40 -34.42
CA LEU A 265 -1.60 -8.09 -34.29
C LEU A 265 -2.45 -7.74 -35.51
N LYS A 266 -1.97 -8.10 -36.69
CA LYS A 266 -2.68 -7.85 -37.93
C LYS A 266 -3.97 -8.67 -38.00
N GLU A 267 -3.94 -9.85 -37.39
CA GLU A 267 -5.09 -10.75 -37.42
C GLU A 267 -6.13 -10.36 -36.37
N GLY A 268 -5.84 -9.31 -35.61
CA GLY A 268 -6.78 -8.81 -34.62
C GLY A 268 -6.59 -9.46 -33.26
N HIS A 269 -5.50 -10.20 -33.12
CA HIS A 269 -5.18 -10.87 -31.86
C HIS A 269 -4.86 -9.85 -30.77
N ARG A 270 -5.44 -10.07 -29.59
CA ARG A 270 -5.19 -9.21 -28.43
C ARG A 270 -4.90 -10.07 -27.20
N MET A 271 -4.28 -9.49 -26.19
CA MET A 271 -4.00 -10.21 -24.95
C MET A 271 -5.31 -10.50 -24.23
N ASP A 272 -5.37 -11.66 -23.57
CA ASP A 272 -6.55 -12.02 -22.80
C ASP A 272 -6.61 -11.18 -21.53
N LYS A 273 -7.78 -11.15 -20.89
CA LYS A 273 -7.94 -10.45 -19.63
C LYS A 273 -7.14 -11.12 -18.53
N PRO A 274 -6.37 -10.34 -17.77
CA PRO A 274 -5.66 -10.89 -16.61
C PRO A 274 -6.64 -11.52 -15.64
N SER A 275 -6.17 -12.49 -14.86
CA SER A 275 -7.04 -13.21 -13.92
C SER A 275 -7.74 -12.27 -12.95
N ASN A 276 -6.99 -11.34 -12.37
CA ASN A 276 -7.56 -10.37 -11.46
C ASN A 276 -7.77 -9.02 -12.15
N CYS A 277 -8.82 -8.94 -12.96
CA CYS A 277 -9.18 -7.70 -13.64
C CYS A 277 -10.68 -7.68 -13.96
N THR A 278 -11.35 -6.59 -13.60
CA THR A 278 -12.77 -6.45 -13.85
C THR A 278 -13.04 -6.37 -15.35
N ASN A 279 -14.25 -6.71 -15.76
CA ASN A 279 -14.60 -6.68 -17.18
C ASN A 279 -14.57 -5.27 -17.74
N GLU A 280 -14.95 -4.30 -16.90
CA GLU A 280 -14.96 -2.90 -17.31
C GLU A 280 -13.55 -2.39 -17.62
N LEU A 281 -12.58 -2.79 -16.80
CA LEU A 281 -11.20 -2.39 -17.01
C LEU A 281 -10.58 -3.11 -18.20
N TYR A 282 -11.07 -4.30 -18.51
CA TYR A 282 -10.57 -5.04 -19.67
C TYR A 282 -11.10 -4.44 -20.97
N MET A 283 -12.35 -3.98 -20.95
CA MET A 283 -12.91 -3.28 -22.09
C MET A 283 -12.10 -2.01 -22.37
N MET A 284 -11.63 -1.38 -21.31
CA MET A 284 -10.79 -0.19 -21.44
C MET A 284 -9.51 -0.52 -22.20
N MET A 285 -8.90 -1.65 -21.87
CA MET A 285 -7.73 -2.14 -22.60
C MET A 285 -8.07 -2.39 -24.06
N ARG A 286 -9.18 -3.09 -24.29
CA ARG A 286 -9.62 -3.42 -25.64
C ARG A 286 -9.94 -2.17 -26.44
N ASP A 287 -10.54 -1.18 -25.80
CA ASP A 287 -10.83 0.09 -26.44
C ASP A 287 -9.54 0.79 -26.83
N CYS A 288 -8.53 0.71 -25.95
CA CYS A 288 -7.21 1.28 -26.25
C CYS A 288 -6.52 0.50 -27.36
N TRP A 289 -6.89 -0.77 -27.51
CA TRP A 289 -6.27 -1.65 -28.49
C TRP A 289 -7.10 -1.77 -29.76
N HIS A 290 -7.98 -0.80 -29.99
CA HIS A 290 -8.78 -0.77 -31.20
C HIS A 290 -7.87 -0.68 -32.43
N ALA A 291 -8.22 -1.43 -33.47
CA ALA A 291 -7.42 -1.46 -34.69
C ALA A 291 -7.36 -0.09 -35.35
N VAL A 292 -8.48 0.62 -35.34
CA VAL A 292 -8.54 1.95 -35.92
C VAL A 292 -8.14 3.01 -34.88
N PRO A 293 -7.03 3.74 -35.15
CA PRO A 293 -6.51 4.77 -34.26
C PRO A 293 -7.56 5.83 -33.88
N SER A 294 -8.41 6.19 -34.83
CA SER A 294 -9.41 7.22 -34.60
C SER A 294 -10.53 6.73 -33.69
N GLN A 295 -10.58 5.42 -33.46
CA GLN A 295 -11.67 4.83 -32.69
C GLN A 295 -11.26 4.57 -31.24
N ARG A 296 -9.97 4.71 -30.96
CA ARG A 296 -9.46 4.62 -29.59
C ARG A 296 -9.88 5.84 -28.77
N PRO A 297 -10.12 5.66 -27.47
CA PRO A 297 -10.44 6.79 -26.60
C PRO A 297 -9.26 7.74 -26.44
N THR A 298 -9.53 8.99 -26.10
CA THR A 298 -8.45 9.94 -25.81
C THR A 298 -8.06 9.84 -24.34
N PHE A 299 -6.92 10.42 -23.99
CA PHE A 299 -6.48 10.43 -22.60
C PHE A 299 -7.42 11.23 -21.70
N LYS A 300 -8.04 12.27 -22.28
CA LYS A 300 -9.03 13.05 -21.53
C LYS A 300 -10.20 12.16 -21.11
N GLN A 301 -10.67 11.34 -22.05
CA GLN A 301 -11.75 10.41 -21.78
C GLN A 301 -11.31 9.35 -20.77
N LEU A 302 -10.09 8.85 -20.94
CA LEU A 302 -9.52 7.85 -20.04
C LEU A 302 -9.44 8.35 -18.59
N VAL A 303 -9.03 9.61 -18.42
CA VAL A 303 -8.94 10.20 -17.09
C VAL A 303 -10.32 10.29 -16.46
N GLU A 304 -11.32 10.66 -17.25
CA GLU A 304 -12.70 10.75 -16.76
C GLU A 304 -13.24 9.39 -16.32
N ASP A 305 -13.06 8.37 -17.16
CA ASP A 305 -13.54 7.03 -16.84
C ASP A 305 -12.85 6.48 -15.59
N LEU A 306 -11.52 6.57 -15.56
CA LEU A 306 -10.73 6.05 -14.46
C LEU A 306 -11.05 6.78 -13.15
N ASP A 307 -11.45 8.05 -13.26
CA ASP A 307 -11.85 8.81 -12.09
C ASP A 307 -13.13 8.22 -11.49
N ARG A 308 -14.07 7.87 -12.36
CA ARG A 308 -15.32 7.26 -11.94
C ARG A 308 -15.06 5.91 -11.29
N ILE A 309 -14.19 5.13 -11.92
CA ILE A 309 -13.89 3.77 -11.49
C ILE A 309 -13.15 3.74 -10.15
N VAL A 310 -12.24 4.69 -9.94
CA VAL A 310 -11.52 4.80 -8.67
C VAL A 310 -12.49 4.98 -7.50
N ALA A 311 -13.45 5.86 -7.67
CA ALA A 311 -14.44 6.14 -6.63
C ALA A 311 -15.29 4.90 -6.31
N LEU A 312 -15.48 4.04 -7.30
CA LEU A 312 -16.33 2.88 -7.13
C LEU A 312 -15.55 1.64 -6.70
N THR A 313 -14.25 1.63 -6.96
CA THR A 313 -13.41 0.49 -6.64
C THR A 313 -13.15 0.45 -5.14
N SER A 314 -13.22 -0.75 -4.56
CA SER A 314 -12.99 -0.95 -3.14
C SER A 314 -11.51 -1.05 -2.78
N ASN A 315 -11.15 -0.53 -1.60
CA ASN A 315 -9.79 -0.68 -1.10
C ASN A 315 -9.75 -1.66 0.06
N GLN A 316 -10.80 -2.49 0.16
CA GLN A 316 -10.89 -3.49 1.23
C GLN A 316 -10.33 -4.83 0.75
N GLY B 11 20.89 1.33 14.49
CA GLY B 11 19.95 2.42 14.67
C GLY B 11 20.34 3.36 15.79
N VAL B 12 19.90 4.61 15.68
CA VAL B 12 20.22 5.65 16.66
C VAL B 12 19.48 5.38 17.96
N SER B 13 18.42 4.58 17.87
CA SER B 13 17.59 4.23 19.01
C SER B 13 18.30 3.26 19.96
N GLU B 14 19.47 2.77 19.55
CA GLU B 14 20.21 1.84 20.40
C GLU B 14 20.79 2.58 21.62
N TYR B 15 20.95 3.89 21.50
CA TYR B 15 21.45 4.71 22.60
C TYR B 15 20.47 5.82 23.00
N GLU B 16 19.95 6.53 22.00
CA GLU B 16 19.03 7.64 22.25
C GLU B 16 17.80 7.62 21.33
N LEU B 17 16.64 7.28 21.88
CA LEU B 17 15.40 7.28 21.12
C LEU B 17 14.98 8.68 20.68
N PRO B 18 14.41 8.79 19.47
CA PRO B 18 13.91 10.05 18.91
C PRO B 18 12.78 10.61 19.75
N GLU B 19 12.94 11.86 20.16
CA GLU B 19 12.00 12.57 21.02
C GLU B 19 10.72 13.01 20.30
N ASP B 20 9.58 12.83 20.95
CA ASP B 20 8.31 13.31 20.42
C ASP B 20 7.49 13.99 21.51
N PRO B 21 7.59 15.33 21.58
CA PRO B 21 6.95 16.19 22.57
C PRO B 21 5.43 16.02 22.68
N ARG B 22 4.79 15.65 21.57
CA ARG B 22 3.33 15.50 21.55
C ARG B 22 2.85 14.36 22.44
N TRP B 23 3.68 13.34 22.61
CA TRP B 23 3.28 12.13 23.34
C TRP B 23 4.11 11.88 24.59
N GLU B 24 5.19 12.64 24.74
CA GLU B 24 6.13 12.39 25.84
C GLU B 24 5.53 12.74 27.19
N LEU B 25 5.63 11.80 28.12
CA LEU B 25 5.17 12.00 29.49
C LEU B 25 6.33 11.83 30.45
N PRO B 26 6.51 12.79 31.38
CA PRO B 26 7.55 12.67 32.40
C PRO B 26 7.37 11.41 33.25
N ARG B 27 8.47 10.74 33.57
CA ARG B 27 8.42 9.46 34.28
C ARG B 27 7.87 9.57 35.69
N ASP B 28 8.07 10.72 36.34
CA ASP B 28 7.60 10.87 37.71
C ASP B 28 6.10 11.12 37.77
N ARG B 29 5.48 11.27 36.62
CA ARG B 29 4.03 11.39 36.54
C ARG B 29 3.40 10.05 36.21
N LEU B 30 4.22 9.01 36.21
CA LEU B 30 3.76 7.65 36.00
C LEU B 30 4.22 6.74 37.13
N VAL B 31 3.27 6.12 37.82
CA VAL B 31 3.58 5.16 38.86
C VAL B 31 3.26 3.72 38.45
N LEU B 32 4.28 2.96 38.10
CA LEU B 32 4.09 1.58 37.65
C LEU B 32 3.58 0.69 38.77
N GLY B 33 2.67 -0.22 38.44
CA GLY B 33 2.09 -1.12 39.41
C GLY B 33 2.24 -2.58 39.05
N LYS B 34 1.20 -3.36 39.32
CA LYS B 34 1.26 -4.81 39.15
C LYS B 34 1.10 -5.23 37.69
N PRO B 35 1.73 -6.35 37.32
CA PRO B 35 1.59 -6.95 35.98
C PRO B 35 0.15 -7.17 35.58
N LEU B 36 -0.15 -7.01 34.29
CA LEU B 36 -1.49 -7.20 33.78
C LEU B 36 -1.50 -8.42 32.86
N GLY B 37 -2.61 -9.15 32.89
CA GLY B 37 -2.72 -10.40 32.16
C GLY B 37 -2.40 -11.51 33.14
N GLU B 38 -1.22 -12.12 33.05
CA GLU B 38 -0.27 -11.89 31.96
C GLU B 38 -0.57 -12.94 30.89
N GLY B 39 -0.04 -12.82 29.67
CA GLY B 39 0.90 -11.80 29.24
C GLY B 39 0.84 -11.75 27.73
N ALA B 40 -0.36 -12.04 27.22
CA ALA B 40 -0.65 -12.15 25.79
C ALA B 40 -0.28 -10.92 24.98
N PHE B 41 -0.18 -9.75 25.61
CA PHE B 41 0.12 -8.55 24.86
C PHE B 41 1.57 -8.09 25.02
N GLY B 42 2.42 -8.94 25.60
CA GLY B 42 3.83 -8.65 25.71
C GLY B 42 4.29 -7.82 26.90
N GLN B 43 4.15 -8.38 28.10
CA GLN B 43 4.49 -7.69 29.35
C GLN B 43 3.81 -6.33 29.47
N VAL B 44 2.67 -6.32 30.15
CA VAL B 44 1.90 -5.11 30.37
C VAL B 44 1.63 -4.97 31.86
N VAL B 45 1.91 -3.80 32.41
CA VAL B 45 1.66 -3.58 33.83
C VAL B 45 0.55 -2.56 34.02
N LEU B 46 -0.13 -2.64 35.15
CA LEU B 46 -1.09 -1.63 35.52
C LEU B 46 -0.31 -0.43 36.06
N ALA B 47 -0.82 0.77 35.83
CA ALA B 47 -0.15 1.97 36.32
C ALA B 47 -1.13 3.11 36.51
N GLU B 48 -0.71 4.14 37.24
CA GLU B 48 -1.50 5.35 37.38
C GLU B 48 -0.74 6.55 36.81
N ALA B 49 -1.38 7.26 35.90
CA ALA B 49 -0.77 8.41 35.24
C ALA B 49 -1.46 9.72 35.64
N ILE B 50 -0.67 10.72 36.01
CA ILE B 50 -1.21 12.01 36.40
C ILE B 50 -1.20 13.02 35.25
N GLY B 51 -2.39 13.49 34.87
CA GLY B 51 -2.52 14.51 33.86
C GLY B 51 -2.12 14.12 32.45
N LEU B 52 -2.62 13.00 31.96
CA LEU B 52 -2.37 12.58 30.58
C LEU B 52 -2.94 13.59 29.61
N ASP B 53 -4.13 14.08 29.92
CA ASP B 53 -4.80 15.10 29.11
C ASP B 53 -4.49 16.50 29.63
N LYS B 54 -4.08 17.38 28.73
CA LYS B 54 -3.69 18.74 29.09
C LYS B 54 -4.83 19.55 29.71
N ASP B 55 -6.07 19.23 29.34
CA ASP B 55 -7.23 19.95 29.89
C ASP B 55 -7.44 19.62 31.36
N LYS B 56 -7.00 18.45 31.78
CA LYS B 56 -7.12 18.04 33.17
C LYS B 56 -5.77 17.55 33.70
N PRO B 57 -4.85 18.50 33.97
CA PRO B 57 -3.47 18.18 34.36
C PRO B 57 -3.34 17.63 35.78
N ASN B 58 -4.38 17.77 36.60
CA ASN B 58 -4.33 17.30 37.99
C ASN B 58 -5.11 16.02 38.21
N ARG B 59 -5.50 15.36 37.12
CA ARG B 59 -6.29 14.14 37.23
C ARG B 59 -5.41 12.89 37.14
N VAL B 60 -5.67 11.93 38.02
CA VAL B 60 -4.95 10.66 37.99
C VAL B 60 -5.79 9.63 37.22
N THR B 61 -5.14 8.87 36.36
CA THR B 61 -5.82 7.88 35.54
C THR B 61 -5.13 6.53 35.55
N LYS B 62 -5.89 5.47 35.81
CA LYS B 62 -5.36 4.12 35.73
C LYS B 62 -5.13 3.77 34.27
N VAL B 63 -3.91 3.35 33.95
CA VAL B 63 -3.53 3.06 32.56
C VAL B 63 -2.80 1.74 32.43
N ALA B 64 -2.62 1.29 31.19
CA ALA B 64 -1.84 0.10 30.91
C ALA B 64 -0.52 0.50 30.27
N VAL B 65 0.56 -0.14 30.69
CA VAL B 65 1.89 0.21 30.21
C VAL B 65 2.61 -1.01 29.63
N LYS B 66 2.95 -0.94 28.35
CA LYS B 66 3.73 -1.99 27.71
C LYS B 66 5.21 -1.60 27.69
N MET B 67 6.07 -2.57 27.98
CA MET B 67 7.51 -2.33 28.00
C MET B 67 8.24 -3.57 27.51
N LEU B 68 9.55 -3.42 27.29
CA LEU B 68 10.36 -4.56 26.87
C LEU B 68 10.72 -5.45 28.06
N LYS B 69 10.88 -6.75 27.79
CA LYS B 69 11.35 -7.67 28.81
C LYS B 69 12.84 -7.44 29.04
N SER B 70 13.39 -8.05 30.08
CA SER B 70 14.80 -7.88 30.41
C SER B 70 15.70 -8.53 29.36
N ASP B 71 15.19 -9.55 28.69
CA ASP B 71 15.97 -10.28 27.69
C ASP B 71 15.72 -9.76 26.27
N ALA B 72 15.02 -8.64 26.17
CA ALA B 72 14.66 -8.06 24.88
C ALA B 72 15.88 -7.66 24.07
N THR B 73 15.80 -7.80 22.76
CA THR B 73 16.88 -7.42 21.86
C THR B 73 16.55 -6.09 21.20
N GLU B 74 17.44 -5.63 20.33
CA GLU B 74 17.23 -4.37 19.61
C GLU B 74 16.07 -4.52 18.63
N LYS B 75 15.90 -5.73 18.12
CA LYS B 75 14.82 -6.05 17.19
C LYS B 75 13.47 -5.90 17.90
N ASP B 76 13.41 -6.39 19.14
CA ASP B 76 12.21 -6.28 19.96
C ASP B 76 11.90 -4.81 20.25
N LEU B 77 12.96 -4.03 20.45
CA LEU B 77 12.80 -2.60 20.67
C LEU B 77 12.21 -1.93 19.44
N SER B 78 12.72 -2.31 18.26
CA SER B 78 12.22 -1.78 17.00
C SER B 78 10.75 -2.10 16.82
N ASP B 79 10.37 -3.32 17.17
CA ASP B 79 8.98 -3.76 17.06
C ASP B 79 8.07 -2.91 17.95
N LEU B 80 8.48 -2.72 19.19
CA LEU B 80 7.70 -1.95 20.16
C LEU B 80 7.57 -0.49 19.72
N ILE B 81 8.65 0.06 19.18
CA ILE B 81 8.63 1.40 18.62
C ILE B 81 7.70 1.47 17.42
N SER B 82 7.84 0.51 16.52
CA SER B 82 6.98 0.42 15.33
C SER B 82 5.51 0.31 15.71
N GLU B 83 5.24 -0.48 16.76
CA GLU B 83 3.89 -0.62 17.28
C GLU B 83 3.32 0.70 17.76
N MET B 84 4.12 1.44 18.53
CA MET B 84 3.71 2.74 19.06
C MET B 84 3.45 3.74 17.95
N GLU B 85 4.34 3.79 16.97
CA GLU B 85 4.24 4.73 15.87
C GLU B 85 3.03 4.48 14.98
N MET B 86 2.67 3.22 14.80
CA MET B 86 1.50 2.88 14.01
C MET B 86 0.24 3.37 14.71
N MET B 87 0.22 3.27 16.03
CA MET B 87 -0.93 3.72 16.81
C MET B 87 -1.09 5.23 16.70
N LYS B 88 0.02 5.94 16.58
CA LYS B 88 0.00 7.39 16.37
C LYS B 88 -0.73 7.72 15.06
N MET B 89 -0.37 7.02 14.00
CA MET B 89 -0.93 7.28 12.68
C MET B 89 -2.41 6.91 12.59
N ILE B 90 -2.76 5.75 13.12
CA ILE B 90 -4.13 5.27 13.09
C ILE B 90 -5.09 6.24 13.80
N GLY B 91 -4.62 6.86 14.87
CA GLY B 91 -5.42 7.84 15.58
C GLY B 91 -6.36 7.22 16.58
N LYS B 92 -7.22 8.05 17.17
CA LYS B 92 -8.07 7.61 18.27
C LYS B 92 -9.44 7.13 17.81
N HIS B 93 -10.00 6.18 18.56
CA HIS B 93 -11.38 5.73 18.37
C HIS B 93 -11.91 5.07 19.63
N LYS B 94 -13.21 5.23 19.87
CA LYS B 94 -13.85 4.74 21.08
C LYS B 94 -13.70 3.22 21.28
N ASN B 95 -13.69 2.48 20.17
CA ASN B 95 -13.71 1.02 20.25
C ASN B 95 -12.38 0.35 19.90
N ILE B 96 -11.28 1.07 20.13
CA ILE B 96 -9.95 0.48 20.03
C ILE B 96 -9.14 0.83 21.27
N ILE B 97 -8.10 0.07 21.54
CA ILE B 97 -7.14 0.44 22.59
C ILE B 97 -6.32 1.62 22.10
N ASN B 98 -6.50 2.77 22.73
CA ASN B 98 -5.84 4.00 22.26
C ASN B 98 -4.51 4.27 22.94
N LEU B 99 -3.64 4.99 22.23
CA LEU B 99 -2.39 5.47 22.78
C LEU B 99 -2.67 6.71 23.65
N LEU B 100 -2.04 6.77 24.81
CA LEU B 100 -2.28 7.88 25.74
C LEU B 100 -1.02 8.71 25.96
N GLY B 101 0.14 8.10 25.76
CA GLY B 101 1.41 8.79 25.94
C GLY B 101 2.56 7.82 25.89
N ALA B 102 3.77 8.32 26.15
CA ALA B 102 4.95 7.47 26.13
C ALA B 102 6.10 8.04 26.95
N CYS B 103 6.97 7.15 27.43
CA CYS B 103 8.22 7.54 28.06
C CYS B 103 9.35 6.98 27.23
N THR B 104 10.03 7.86 26.50
CA THR B 104 11.00 7.42 25.50
C THR B 104 12.43 7.84 25.81
N GLN B 105 12.59 8.74 26.77
CA GLN B 105 13.91 9.29 27.06
C GLN B 105 14.41 8.93 28.46
N ASP B 106 15.72 8.83 28.59
CA ASP B 106 16.38 8.64 29.87
C ASP B 106 15.88 7.41 30.62
N GLY B 107 15.87 6.27 29.93
CA GLY B 107 15.42 5.02 30.54
C GLY B 107 14.64 4.14 29.60
N PRO B 108 14.01 3.09 30.13
CA PRO B 108 13.29 2.10 29.32
C PRO B 108 12.07 2.69 28.63
N LEU B 109 11.77 2.19 27.43
CA LEU B 109 10.61 2.65 26.67
C LEU B 109 9.32 2.22 27.35
N TYR B 110 8.45 3.18 27.64
CA TYR B 110 7.13 2.88 28.17
C TYR B 110 6.08 3.34 27.17
N VAL B 111 5.24 2.41 26.72
CA VAL B 111 4.12 2.78 25.86
C VAL B 111 2.83 2.74 26.66
N ILE B 112 2.20 3.88 26.81
CA ILE B 112 1.02 4.02 27.67
C ILE B 112 -0.26 3.99 26.87
N VAL B 113 -1.12 3.02 27.17
CA VAL B 113 -2.37 2.84 26.46
C VAL B 113 -3.55 2.75 27.42
N GLU B 114 -4.75 2.62 26.87
CA GLU B 114 -5.97 2.58 27.69
C GLU B 114 -6.09 1.27 28.46
N TYR B 115 -6.67 1.36 29.64
CA TYR B 115 -6.79 0.22 30.54
C TYR B 115 -8.21 -0.34 30.55
N ALA B 116 -8.31 -1.64 30.27
CA ALA B 116 -9.60 -2.34 30.30
C ALA B 116 -9.62 -3.31 31.47
N SER B 117 -10.42 -2.99 32.48
CA SER B 117 -10.37 -3.69 33.75
C SER B 117 -11.03 -5.07 33.75
N LYS B 118 -11.82 -5.36 32.72
CA LYS B 118 -12.60 -6.60 32.72
C LYS B 118 -12.06 -7.68 31.78
N GLY B 119 -10.79 -7.55 31.39
CA GLY B 119 -10.13 -8.60 30.61
C GLY B 119 -10.64 -8.71 29.18
N ASN B 120 -10.20 -9.74 28.48
CA ASN B 120 -10.60 -9.91 27.08
C ASN B 120 -12.04 -10.43 26.97
N LEU B 121 -12.59 -10.32 25.76
CA LEU B 121 -13.99 -10.62 25.51
C LEU B 121 -14.35 -12.09 25.78
N ARG B 122 -13.40 -13.00 25.55
CA ARG B 122 -13.65 -14.43 25.76
C ARG B 122 -13.94 -14.72 27.24
N GLU B 123 -13.07 -14.24 28.12
CA GLU B 123 -13.25 -14.45 29.56
C GLU B 123 -14.47 -13.68 30.06
N TYR B 124 -14.72 -12.53 29.44
CA TYR B 124 -15.86 -11.69 29.79
C TYR B 124 -17.18 -12.41 29.52
N LEU B 125 -17.25 -13.09 28.38
CA LEU B 125 -18.46 -13.81 28.00
C LEU B 125 -18.64 -15.10 28.79
N GLN B 126 -17.54 -15.83 28.99
CA GLN B 126 -17.57 -17.11 29.68
C GLN B 126 -18.00 -16.97 31.14
N ALA B 127 -17.58 -15.88 31.77
CA ALA B 127 -17.91 -15.64 33.18
C ALA B 127 -19.37 -15.27 33.36
N ARG B 128 -20.04 -14.96 32.26
CA ARG B 128 -21.45 -14.59 32.31
C ARG B 128 -22.34 -15.64 31.63
N ARG B 129 -21.84 -16.87 31.58
CA ARG B 129 -22.62 -17.99 31.06
C ARG B 129 -23.69 -18.45 32.04
N PRO B 130 -24.95 -18.56 31.56
CA PRO B 130 -26.04 -19.13 32.35
C PRO B 130 -25.82 -20.62 32.58
N PRO B 131 -26.26 -21.14 33.73
CA PRO B 131 -26.17 -22.59 34.02
C PRO B 131 -27.19 -23.42 33.25
N GLY B 132 -27.44 -23.08 31.99
CA GLY B 132 -28.46 -23.74 31.20
C GLY B 132 -27.90 -24.84 30.32
N GLN B 146 -25.40 -11.50 34.02
CA GLN B 146 -25.84 -12.10 32.76
C GLN B 146 -26.00 -11.05 31.67
N LEU B 147 -25.81 -11.46 30.42
CA LEU B 147 -25.96 -10.55 29.29
C LEU B 147 -27.28 -10.77 28.56
N SER B 148 -27.99 -9.67 28.28
CA SER B 148 -29.23 -9.73 27.51
C SER B 148 -28.93 -10.04 26.05
N SER B 149 -29.96 -10.30 25.26
CA SER B 149 -29.76 -10.61 23.85
C SER B 149 -29.19 -9.39 23.11
N LYS B 150 -29.53 -8.19 23.58
CA LYS B 150 -29.02 -6.95 23.00
C LYS B 150 -27.66 -6.50 23.55
N ASP B 151 -27.30 -7.03 24.72
CA ASP B 151 -25.94 -6.82 25.21
C ASP B 151 -24.97 -7.51 24.27
N LEU B 152 -25.39 -8.66 23.75
CA LEU B 152 -24.56 -9.44 22.83
C LEU B 152 -24.44 -8.73 21.47
N VAL B 153 -25.57 -8.27 20.94
CA VAL B 153 -25.58 -7.58 19.66
C VAL B 153 -24.83 -6.24 19.74
N SER B 154 -24.98 -5.56 20.87
CA SER B 154 -24.27 -4.30 21.09
C SER B 154 -22.77 -4.55 21.12
N CYS B 155 -22.39 -5.68 21.70
CA CYS B 155 -20.99 -6.10 21.75
C CYS B 155 -20.44 -6.27 20.34
N ALA B 156 -21.23 -6.92 19.49
CA ALA B 156 -20.85 -7.15 18.10
C ALA B 156 -20.74 -5.83 17.33
N TYR B 157 -21.69 -4.94 17.60
CA TYR B 157 -21.70 -3.62 16.97
C TYR B 157 -20.42 -2.85 17.24
N GLN B 158 -20.03 -2.80 18.52
CA GLN B 158 -18.85 -2.04 18.93
C GLN B 158 -17.56 -2.60 18.32
N VAL B 159 -17.45 -3.92 18.26
CA VAL B 159 -16.29 -4.56 17.67
C VAL B 159 -16.23 -4.22 16.18
N ALA B 160 -17.38 -4.26 15.53
CA ALA B 160 -17.48 -3.90 14.11
C ALA B 160 -17.07 -2.45 13.87
N ARG B 161 -17.54 -1.54 14.70
CA ARG B 161 -17.22 -0.12 14.54
C ARG B 161 -15.73 0.14 14.72
N GLY B 162 -15.12 -0.58 15.66
CA GLY B 162 -13.69 -0.49 15.88
C GLY B 162 -12.92 -0.97 14.67
N MET B 163 -13.36 -2.09 14.09
CA MET B 163 -12.72 -2.63 12.90
C MET B 163 -12.96 -1.74 11.70
N GLU B 164 -14.15 -1.12 11.66
CA GLU B 164 -14.47 -0.20 10.58
C GLU B 164 -13.51 0.98 10.57
N TYR B 165 -13.19 1.49 11.77
CA TYR B 165 -12.24 2.58 11.89
C TYR B 165 -10.84 2.13 11.48
N LEU B 166 -10.40 1.00 12.03
CA LEU B 166 -9.08 0.46 11.70
C LEU B 166 -8.93 0.21 10.21
N ALA B 167 -9.98 -0.33 9.59
CA ALA B 167 -9.98 -0.56 8.15
C ALA B 167 -9.86 0.75 7.40
N SER B 168 -10.52 1.79 7.89
CA SER B 168 -10.48 3.10 7.25
C SER B 168 -9.09 3.72 7.37
N LYS B 169 -8.30 3.24 8.32
CA LYS B 169 -6.94 3.72 8.53
C LYS B 169 -5.91 2.75 7.98
N LYS B 170 -6.34 1.92 7.02
CA LYS B 170 -5.48 0.96 6.35
C LYS B 170 -4.82 -0.03 7.30
N CYS B 171 -5.49 -0.35 8.40
CA CYS B 171 -4.97 -1.30 9.37
C CYS B 171 -5.65 -2.66 9.22
N ILE B 172 -4.83 -3.69 8.97
CA ILE B 172 -5.31 -5.06 8.92
C ILE B 172 -4.85 -5.81 10.16
N HIS B 173 -5.80 -6.40 10.88
CA HIS B 173 -5.48 -6.98 12.19
C HIS B 173 -4.75 -8.32 12.07
N ARG B 174 -5.23 -9.17 11.17
CA ARG B 174 -4.61 -10.48 10.89
C ARG B 174 -4.77 -11.52 12.00
N ASP B 175 -5.32 -11.11 13.15
CA ASP B 175 -5.62 -12.06 14.22
C ASP B 175 -6.81 -11.56 15.04
N LEU B 176 -7.88 -11.20 14.35
CA LEU B 176 -9.09 -10.74 15.02
C LEU B 176 -9.81 -11.89 15.70
N ALA B 177 -9.91 -11.82 17.02
CA ALA B 177 -10.60 -12.84 17.80
C ALA B 177 -11.09 -12.22 19.10
N ALA B 178 -11.97 -12.93 19.80
CA ALA B 178 -12.51 -12.43 21.07
C ALA B 178 -11.40 -12.18 22.09
N ARG B 179 -10.33 -12.96 22.01
CA ARG B 179 -9.20 -12.82 22.91
C ARG B 179 -8.46 -11.51 22.69
N ASN B 180 -8.62 -10.93 21.51
CA ASN B 180 -7.96 -9.67 21.17
C ASN B 180 -8.92 -8.48 21.22
N VAL B 181 -10.00 -8.65 21.97
CA VAL B 181 -10.91 -7.56 22.26
C VAL B 181 -11.02 -7.38 23.77
N LEU B 182 -10.76 -6.17 24.24
CA LEU B 182 -10.77 -5.90 25.68
C LEU B 182 -12.03 -5.18 26.12
N VAL B 183 -12.42 -5.39 27.36
CA VAL B 183 -13.64 -4.78 27.91
C VAL B 183 -13.32 -3.88 29.09
N THR B 184 -13.70 -2.61 28.99
CA THR B 184 -13.46 -1.65 30.06
C THR B 184 -14.48 -1.81 31.17
N GLU B 185 -14.31 -1.06 32.25
CA GLU B 185 -15.23 -1.10 33.39
C GLU B 185 -16.64 -0.67 32.98
N ASP B 186 -16.73 0.11 31.90
CA ASP B 186 -18.01 0.60 31.41
C ASP B 186 -18.54 -0.28 30.28
N ASN B 187 -17.98 -1.49 30.18
CA ASN B 187 -18.39 -2.46 29.18
C ASN B 187 -18.21 -1.96 27.75
N VAL B 188 -17.16 -1.19 27.51
CA VAL B 188 -16.84 -0.74 26.16
C VAL B 188 -15.89 -1.74 25.51
N MET B 189 -16.27 -2.20 24.32
CA MET B 189 -15.42 -3.13 23.56
C MET B 189 -14.28 -2.38 22.89
N LYS B 190 -13.06 -2.81 23.15
CA LYS B 190 -11.88 -2.19 22.54
C LYS B 190 -10.96 -3.21 21.88
N ILE B 191 -10.67 -3.01 20.60
CA ILE B 191 -9.80 -3.91 19.85
C ILE B 191 -8.34 -3.73 20.24
N ALA B 192 -7.67 -4.85 20.51
CA ALA B 192 -6.27 -4.84 20.95
C ALA B 192 -5.34 -5.43 19.88
N ASP B 193 -4.05 -5.22 20.07
CA ASP B 193 -3.01 -5.71 19.16
C ASP B 193 -3.33 -5.51 17.69
N PHE B 194 -3.56 -4.26 17.29
CA PHE B 194 -3.83 -3.94 15.91
C PHE B 194 -2.60 -3.30 15.28
N GLY B 195 -1.59 -3.04 16.10
CA GLY B 195 -0.39 -2.37 15.64
C GLY B 195 0.79 -3.31 15.49
N LEU B 196 0.50 -4.60 15.41
CA LEU B 196 1.53 -5.62 15.31
C LEU B 196 2.26 -5.55 13.97
N TYR B 206 1.01 -23.19 13.09
CA TYR B 206 0.03 -24.09 13.67
C TYR B 206 0.24 -24.24 15.19
N LYS B 207 0.73 -23.18 15.81
CA LYS B 207 0.96 -23.17 17.25
C LYS B 207 -0.34 -22.91 17.99
N LYS B 208 -0.40 -23.30 19.26
CA LYS B 208 -1.61 -23.13 20.06
C LYS B 208 -1.50 -21.91 20.98
N THR B 209 -2.56 -21.67 21.74
CA THR B 209 -2.63 -20.51 22.62
C THR B 209 -2.78 -20.91 24.09
N THR B 210 -2.77 -19.91 24.96
CA THR B 210 -2.85 -20.14 26.39
C THR B 210 -4.22 -20.70 26.80
N GLY B 212 -5.67 -23.34 25.05
CA GLY B 212 -5.42 -24.27 23.98
C GLY B 212 -6.19 -23.90 22.72
N ARG B 213 -6.03 -22.66 22.27
CA ARG B 213 -6.73 -22.18 21.09
C ARG B 213 -5.84 -22.23 19.86
N LEU B 214 -6.42 -22.62 18.72
CA LEU B 214 -5.70 -22.68 17.46
C LEU B 214 -6.14 -21.54 16.55
N PRO B 215 -5.30 -20.49 16.45
CA PRO B 215 -5.60 -19.26 15.70
C PRO B 215 -5.91 -19.51 14.22
N VAL B 216 -5.57 -20.70 13.72
CA VAL B 216 -5.86 -21.06 12.33
C VAL B 216 -7.37 -21.15 12.12
N LYS B 217 -8.11 -21.34 13.21
CA LYS B 217 -9.55 -21.49 13.15
C LYS B 217 -10.26 -20.14 13.04
N TRP B 218 -9.47 -19.07 13.06
CA TRP B 218 -10.01 -17.73 12.86
C TRP B 218 -9.60 -17.17 11.50
N MET B 219 -8.74 -17.90 10.80
CA MET B 219 -8.20 -17.43 9.52
C MET B 219 -9.12 -17.68 8.34
N ALA B 220 -9.25 -16.68 7.47
CA ALA B 220 -9.91 -16.86 6.18
C ALA B 220 -9.11 -17.88 5.36
N PRO B 221 -9.79 -18.60 4.45
CA PRO B 221 -9.15 -19.60 3.61
C PRO B 221 -7.96 -19.06 2.82
N GLU B 222 -8.07 -17.85 2.28
CA GLU B 222 -6.98 -17.27 1.50
C GLU B 222 -5.79 -16.95 2.39
N ALA B 223 -6.06 -16.64 3.66
CA ALA B 223 -5.00 -16.39 4.63
C ALA B 223 -4.48 -17.72 5.16
N LEU B 224 -5.35 -18.72 5.16
CA LEU B 224 -4.99 -20.05 5.64
C LEU B 224 -4.08 -20.78 4.66
N PHE B 225 -4.42 -20.71 3.38
CA PHE B 225 -3.71 -21.45 2.35
C PHE B 225 -2.60 -20.64 1.68
N ASP B 226 -2.86 -19.37 1.41
CA ASP B 226 -1.93 -18.54 0.65
C ASP B 226 -1.31 -17.41 1.46
N ARG B 227 -1.62 -17.37 2.75
CA ARG B 227 -1.09 -16.36 3.66
C ARG B 227 -1.43 -14.95 3.18
N ILE B 228 -2.56 -14.80 2.51
CA ILE B 228 -3.02 -13.52 2.00
C ILE B 228 -3.93 -12.84 3.00
N TYR B 229 -3.52 -11.67 3.49
CA TYR B 229 -4.28 -10.97 4.50
C TYR B 229 -4.83 -9.64 3.99
N THR B 230 -6.16 -9.53 3.94
CA THR B 230 -6.82 -8.29 3.56
C THR B 230 -7.85 -7.90 4.60
N HIS B 231 -8.57 -6.81 4.36
CA HIS B 231 -9.65 -6.43 5.25
C HIS B 231 -10.77 -7.46 5.21
N GLN B 232 -10.98 -8.06 4.04
CA GLN B 232 -12.00 -9.09 3.88
C GLN B 232 -11.64 -10.37 4.63
N SER B 233 -10.35 -10.63 4.80
CA SER B 233 -9.93 -11.78 5.60
C SER B 233 -10.23 -11.50 7.07
N ASP B 234 -10.12 -10.24 7.48
CA ASP B 234 -10.52 -9.83 8.83
C ASP B 234 -12.02 -10.00 9.02
N VAL B 235 -12.78 -9.78 7.95
CA VAL B 235 -14.23 -9.94 7.99
C VAL B 235 -14.60 -11.39 8.28
N TRP B 236 -13.87 -12.32 7.69
CA TRP B 236 -14.04 -13.74 7.99
C TRP B 236 -13.83 -13.98 9.48
N SER B 237 -12.74 -13.42 10.00
CA SER B 237 -12.39 -13.55 11.40
C SER B 237 -13.49 -12.96 12.30
N PHE B 238 -14.05 -11.83 11.86
CA PHE B 238 -15.16 -11.20 12.58
C PHE B 238 -16.35 -12.15 12.66
N GLY B 239 -16.52 -12.95 11.62
CA GLY B 239 -17.57 -13.96 11.60
C GLY B 239 -17.38 -14.96 12.71
N VAL B 240 -16.14 -15.44 12.86
CA VAL B 240 -15.81 -16.36 13.94
C VAL B 240 -16.00 -15.68 15.30
N LEU B 241 -15.70 -14.39 15.35
CA LEU B 241 -15.88 -13.63 16.57
C LEU B 241 -17.37 -13.50 16.91
N LEU B 242 -18.19 -13.36 15.87
CA LEU B 242 -19.64 -13.36 16.04
C LEU B 242 -20.11 -14.66 16.69
N TRP B 243 -19.61 -15.77 16.16
CA TRP B 243 -19.93 -17.08 16.69
C TRP B 243 -19.45 -17.22 18.14
N GLU B 244 -18.32 -16.60 18.46
CA GLU B 244 -17.80 -16.58 19.82
C GLU B 244 -18.71 -15.83 20.77
N ILE B 245 -19.26 -14.72 20.28
CA ILE B 245 -20.14 -13.88 21.09
C ILE B 245 -21.41 -14.62 21.49
N PHE B 246 -22.05 -15.27 20.51
CA PHE B 246 -23.34 -15.91 20.74
C PHE B 246 -23.21 -17.36 21.23
N THR B 247 -21.99 -17.82 21.42
CA THR B 247 -21.76 -19.07 22.14
C THR B 247 -21.20 -18.74 23.53
N LEU B 248 -21.14 -17.44 23.83
CA LEU B 248 -20.58 -16.94 25.08
C LEU B 248 -19.21 -17.52 25.39
N GLY B 249 -18.31 -17.43 24.41
CA GLY B 249 -16.95 -17.88 24.59
C GLY B 249 -16.71 -19.33 24.21
N GLY B 250 -17.50 -19.84 23.28
CA GLY B 250 -17.34 -21.21 22.82
C GLY B 250 -16.10 -21.38 21.96
N SER B 251 -15.63 -22.62 21.85
CA SER B 251 -14.45 -22.91 21.06
C SER B 251 -14.82 -23.40 19.66
N PRO B 252 -14.38 -22.67 18.62
CA PRO B 252 -14.68 -23.02 17.22
C PRO B 252 -14.09 -24.37 16.81
N TYR B 253 -14.86 -25.15 16.07
CA TYR B 253 -14.46 -26.47 15.59
C TYR B 253 -13.82 -27.33 16.67
N PRO B 254 -14.60 -27.71 17.71
CA PRO B 254 -14.04 -28.50 18.81
C PRO B 254 -13.61 -29.89 18.37
N GLY B 255 -12.35 -30.24 18.60
CA GLY B 255 -11.86 -31.57 18.29
C GLY B 255 -11.34 -31.72 16.86
N VAL B 256 -11.36 -30.64 16.10
CA VAL B 256 -10.93 -30.69 14.71
C VAL B 256 -9.50 -30.19 14.54
N PRO B 257 -8.59 -31.09 14.13
CA PRO B 257 -7.19 -30.74 13.85
C PRO B 257 -7.05 -29.89 12.59
N VAL B 258 -5.84 -29.39 12.34
CA VAL B 258 -5.60 -28.43 11.26
C VAL B 258 -5.83 -29.00 9.85
N GLU B 259 -5.29 -30.19 9.60
CA GLU B 259 -5.37 -30.79 8.28
C GLU B 259 -6.81 -31.13 7.86
N GLU B 260 -7.66 -31.40 8.85
CA GLU B 260 -9.07 -31.69 8.58
C GLU B 260 -9.85 -30.39 8.40
N LEU B 261 -9.35 -29.32 9.02
CA LEU B 261 -9.96 -28.01 8.91
C LEU B 261 -9.80 -27.50 7.47
N PHE B 262 -8.67 -27.85 6.87
CA PHE B 262 -8.39 -27.51 5.47
C PHE B 262 -9.48 -28.08 4.57
N LYS B 263 -9.74 -29.38 4.73
CA LYS B 263 -10.72 -30.09 3.92
C LYS B 263 -12.14 -29.54 4.12
N LEU B 264 -12.53 -29.41 5.38
CA LEU B 264 -13.88 -28.95 5.72
C LEU B 264 -14.22 -27.62 5.06
N LEU B 265 -13.32 -26.65 5.20
CA LEU B 265 -13.54 -25.32 4.64
C LEU B 265 -13.67 -25.36 3.12
N LYS B 266 -12.83 -26.17 2.48
CA LYS B 266 -12.86 -26.30 1.03
C LYS B 266 -14.16 -26.97 0.56
N GLU B 267 -14.68 -27.88 1.38
CA GLU B 267 -15.90 -28.60 1.02
C GLU B 267 -17.16 -27.76 1.28
N GLY B 268 -16.96 -26.56 1.82
CA GLY B 268 -18.07 -25.66 2.06
C GLY B 268 -18.71 -25.82 3.42
N HIS B 269 -18.07 -26.57 4.31
CA HIS B 269 -18.58 -26.77 5.66
CA HIS B 269 -18.60 -26.76 5.65
C HIS B 269 -18.39 -25.51 6.50
N ARG B 270 -19.41 -25.16 7.27
CA ARG B 270 -19.37 -23.99 8.14
C ARG B 270 -19.89 -24.34 9.53
N MET B 271 -19.58 -23.51 10.51
CA MET B 271 -20.05 -23.75 11.87
C MET B 271 -21.56 -23.61 11.96
N ASP B 272 -22.16 -24.41 12.83
CA ASP B 272 -23.61 -24.42 13.03
C ASP B 272 -24.08 -23.16 13.73
N LYS B 273 -25.38 -22.89 13.67
CA LYS B 273 -25.96 -21.76 14.38
C LYS B 273 -25.95 -22.00 15.88
N PRO B 274 -25.39 -21.05 16.64
CA PRO B 274 -25.36 -21.11 18.10
C PRO B 274 -26.76 -21.15 18.71
N SER B 275 -26.88 -21.75 19.89
CA SER B 275 -28.16 -21.84 20.59
C SER B 275 -28.73 -20.43 20.84
N ASN B 276 -30.04 -20.29 20.62
CA ASN B 276 -30.75 -19.04 20.85
C ASN B 276 -30.25 -17.85 20.01
N CYS B 277 -29.38 -18.13 19.04
CA CYS B 277 -28.92 -17.11 18.12
C CYS B 277 -29.94 -16.94 17.00
N THR B 278 -30.31 -15.69 16.72
CA THR B 278 -31.31 -15.43 15.69
C THR B 278 -30.78 -15.84 14.32
N ASN B 279 -31.71 -16.13 13.41
CA ASN B 279 -31.33 -16.55 12.07
C ASN B 279 -30.67 -15.43 11.29
N GLU B 280 -31.09 -14.19 11.56
CA GLU B 280 -30.54 -13.01 10.90
C GLU B 280 -29.07 -12.82 11.26
N LEU B 281 -28.74 -13.02 12.53
CA LEU B 281 -27.38 -12.88 12.99
C LEU B 281 -26.52 -14.04 12.49
N TYR B 282 -27.15 -15.18 12.23
CA TYR B 282 -26.43 -16.33 11.70
C TYR B 282 -26.08 -16.14 10.23
N MET B 283 -26.99 -15.52 9.47
CA MET B 283 -26.70 -15.19 8.07
C MET B 283 -25.51 -14.24 7.98
N MET B 284 -25.41 -13.32 8.95
CA MET B 284 -24.28 -12.41 9.00
C MET B 284 -22.97 -13.19 9.17
N MET B 285 -22.99 -14.19 10.05
CA MET B 285 -21.84 -15.08 10.19
C MET B 285 -21.53 -15.78 8.88
N ARG B 286 -22.56 -16.32 8.25
CA ARG B 286 -22.41 -17.03 6.99
C ARG B 286 -21.92 -16.10 5.87
N ASP B 287 -22.39 -14.86 5.87
CA ASP B 287 -21.92 -13.87 4.92
C ASP B 287 -20.44 -13.56 5.11
N CYS B 288 -20.01 -13.48 6.36
CA CYS B 288 -18.61 -13.26 6.68
C CYS B 288 -17.78 -14.45 6.25
N TRP B 289 -18.42 -15.62 6.17
CA TRP B 289 -17.74 -16.86 5.85
C TRP B 289 -17.86 -17.25 4.37
N HIS B 290 -18.16 -16.27 3.52
CA HIS B 290 -18.18 -16.51 2.07
C HIS B 290 -16.78 -16.91 1.61
N ALA B 291 -16.71 -17.90 0.74
CA ALA B 291 -15.42 -18.37 0.22
C ALA B 291 -14.73 -17.25 -0.55
N VAL B 292 -15.51 -16.49 -1.31
CA VAL B 292 -15.00 -15.37 -2.09
C VAL B 292 -14.96 -14.10 -1.25
N PRO B 293 -13.75 -13.55 -1.05
CA PRO B 293 -13.54 -12.33 -0.25
C PRO B 293 -14.40 -11.14 -0.70
N SER B 294 -14.58 -10.99 -2.01
CA SER B 294 -15.32 -9.85 -2.54
C SER B 294 -16.82 -9.93 -2.27
N GLN B 295 -17.30 -11.11 -1.89
CA GLN B 295 -18.73 -11.30 -1.63
C GLN B 295 -19.04 -11.26 -0.14
N ARG B 296 -18.00 -11.25 0.68
CA ARG B 296 -18.19 -11.03 2.11
C ARG B 296 -18.55 -9.57 2.29
N PRO B 297 -19.38 -9.26 3.29
CA PRO B 297 -19.70 -7.84 3.54
C PRO B 297 -18.47 -7.08 4.03
N THR B 298 -18.47 -5.77 3.84
CA THR B 298 -17.40 -4.94 4.39
C THR B 298 -17.75 -4.59 5.82
N PHE B 299 -16.78 -4.05 6.55
CA PHE B 299 -17.01 -3.64 7.92
C PHE B 299 -17.99 -2.47 7.97
N LYS B 300 -17.98 -1.65 6.92
CA LYS B 300 -18.93 -0.53 6.82
C LYS B 300 -20.37 -1.03 6.77
N GLN B 301 -20.61 -2.05 5.96
CA GLN B 301 -21.95 -2.65 5.85
C GLN B 301 -22.34 -3.36 7.16
N LEU B 302 -21.39 -4.06 7.76
CA LEU B 302 -21.64 -4.76 9.02
C LEU B 302 -22.06 -3.79 10.11
N VAL B 303 -21.40 -2.65 10.17
CA VAL B 303 -21.73 -1.61 11.13
C VAL B 303 -23.14 -1.07 10.86
N GLU B 304 -23.45 -0.91 9.57
CA GLU B 304 -24.77 -0.44 9.16
C GLU B 304 -25.86 -1.42 9.58
N ASP B 305 -25.66 -2.69 9.27
CA ASP B 305 -26.63 -3.74 9.62
C ASP B 305 -26.79 -3.89 11.13
N LEU B 306 -25.66 -4.03 11.83
CA LEU B 306 -25.68 -4.23 13.28
C LEU B 306 -26.29 -3.05 14.03
N ASP B 307 -26.16 -1.85 13.47
CA ASP B 307 -26.75 -0.66 14.06
C ASP B 307 -28.27 -0.80 14.03
N ARG B 308 -28.80 -1.26 12.90
CA ARG B 308 -30.24 -1.47 12.77
C ARG B 308 -30.71 -2.56 13.73
N ILE B 309 -29.95 -3.64 13.81
CA ILE B 309 -30.33 -4.79 14.63
C ILE B 309 -30.32 -4.43 16.12
N VAL B 310 -29.34 -3.65 16.54
CA VAL B 310 -29.27 -3.20 17.93
C VAL B 310 -30.54 -2.43 18.30
N ALA B 311 -30.94 -1.50 17.45
CA ALA B 311 -32.14 -0.69 17.70
C ALA B 311 -33.42 -1.53 17.76
N LEU B 312 -33.46 -2.63 17.02
CA LEU B 312 -34.68 -3.44 16.90
C LEU B 312 -34.81 -4.63 17.84
N THR B 313 -33.70 -5.05 18.44
CA THR B 313 -33.66 -6.23 19.31
C THR B 313 -34.36 -5.90 20.63
N SER B 314 -35.01 -6.88 21.24
CA SER B 314 -35.59 -6.70 22.58
C SER B 314 -34.57 -7.00 23.68
N ASN B 315 -34.62 -6.28 24.80
CA ASN B 315 -33.77 -6.63 25.95
C ASN B 315 -34.60 -7.21 27.09
C 66T C . 15.89 -2.84 -6.46
N 66T C . 14.89 0.80 -6.75
O 66T C . 15.98 5.11 -11.24
C1 66T C . 15.02 -1.56 -6.41
N1 66T C . 14.34 -1.46 -5.10
O1 66T C . 12.39 11.78 -17.47
C2 66T C . 15.86 -0.29 -6.65
N2 66T C . 14.95 6.48 -9.77
O2 66T C . 17.00 13.09 -17.12
C3 66T C . 13.98 0.95 -5.55
N3 66T C . 14.54 9.76 -10.73
C4 66T C . 13.35 -0.38 -5.07
N4 66T C . 14.45 8.76 -9.92
C5 66T C . 12.72 -0.20 -3.67
C6 66T C . 15.02 1.91 -7.53
C7 66T C . 14.87 3.20 -7.01
C8 66T C . 15.00 4.32 -7.84
C9 66T C . 15.29 4.15 -9.20
C10 66T C . 15.43 2.86 -9.69
C11 66T C . 15.29 1.76 -8.87
C12 66T C . 15.44 5.28 -10.16
C13 66T C . 14.95 7.66 -10.46
C14 66T C . 15.39 7.95 -11.68
C15 66T C . 15.13 9.26 -11.86
C16 66T C . 15.38 10.17 -13.02
C17 66T C . 15.35 9.48 -14.35
C18 66T C . 15.10 10.53 -15.41
C19 66T C . 16.14 11.35 -15.82
C20 66T C . 15.94 12.34 -16.78
C21 66T C . 14.68 12.50 -17.35
C22 66T C . 13.64 11.67 -16.95
C23 66T C . 13.85 10.69 -15.99
C24 66T C . 12.15 12.87 -18.38
C25 66T C . 16.78 14.29 -17.89
C 66T D . -8.70 -13.00 36.10
N 66T D . -8.76 -9.66 34.36
O 66T D . -4.63 -7.11 30.32
C1 66T D . -9.23 -11.78 35.32
N1 66T D . -10.50 -11.31 35.89
O1 66T D . -3.24 -2.73 21.54
C2 66T D . -8.22 -10.62 35.33
N2 66T D . -6.08 -5.37 30.42
O2 66T D . 0.73 -1.57 24.01
C3 66T D . -10.15 -9.15 34.70
N3 66T D . -5.30 -2.62 28.52
C4 66T D . -11.15 -10.27 35.06
N4 66T D . -6.00 -3.28 29.39
C5 66T D . -12.39 -9.68 35.76
C6 66T D . -8.03 -8.88 33.52
C7 66T D . -8.20 -7.49 33.45
C8 66T D . -7.44 -6.74 32.57
C9 66T D . -6.50 -7.35 31.74
C10 66T D . -6.35 -8.72 31.82
C11 66T D . -7.10 -9.49 32.70
C12 66T D . -5.65 -6.61 30.76
C13 66T D . -5.49 -4.50 29.55
C14 66T D . -4.43 -4.63 28.76
C15 66T D . -4.31 -3.46 28.12
C16 66T D . -3.31 -2.99 27.11
C17 66T D . -2.80 -4.07 26.19
C18 66T D . -2.25 -3.39 24.96
C19 66T D . -1.00 -2.78 25.00
C20 66T D . -0.49 -2.14 23.88
C21 66T D . -1.23 -2.11 22.69
C22 66T D . -2.47 -2.72 22.65
C23 66T D . -2.99 -3.36 23.78
C24 66T D . -2.74 -2.03 20.39
C25 66T D . 1.37 -1.02 22.84
#